data_7KDW
#
_entry.id   7KDW
#
_cell.length_a   27.220
_cell.length_b   37.960
_cell.length_c   57.070
_cell.angle_alpha   96.630
_cell.angle_beta   103.820
_cell.angle_gamma   90.880
#
_symmetry.space_group_name_H-M   'P 1'
#
loop_
_entity.id
_entity.type
_entity.pdbx_description
1 polymer 'Nucleosome-remodeling factor subunit BPTF'
2 non-polymer cyclopropyl[7-({2-[(prop-2-yn-1-yl)amino]pyrimidin-4-yl}amino)-3,4-dihydroquinolin-1(2H)-yl]methanone
3 non-polymer 1,2-ETHANEDIOL
4 water water
#
_entity_poly.entity_id   1
_entity_poly.type   'polypeptide(L)'
_entity_poly.pdbx_seq_one_letter_code
;SMSTEDAMTVLTPLTEKDYEGLKRVLRSLQAHKMAWPFLEPVDPNDAPDYYGVIKEPMDLATMEERVQRRYYEKLTEFVA
DMTKIFDNCRYYNPSDSPFYQCAEVLESFFVQKLKGFKASRSH
;
_entity_poly.pdbx_strand_id   A,B
#
loop_
_chem_comp.id
_chem_comp.type
_chem_comp.name
_chem_comp.formula
EDO non-polymer 1,2-ETHANEDIOL 'C2 H6 O2'
WCV non-polymer cyclopropyl[7-({2-[(prop-2-yn-1-yl)amino]pyrimidin-4-yl}amino)-3,4-dihydroquinolin-1(2H)-yl]methanone 'C20 H21 N5 O'
#
# COMPACT_ATOMS: atom_id res chain seq x y z
N THR A 9 -2.43 17.46 -21.76
CA THR A 9 -1.75 16.25 -22.21
C THR A 9 -1.54 15.29 -21.05
N VAL A 10 -0.29 15.22 -20.57
CA VAL A 10 0.03 14.43 -19.39
C VAL A 10 -0.22 15.19 -18.09
N LEU A 11 -0.75 16.42 -18.16
CA LEU A 11 -1.05 17.17 -16.95
C LEU A 11 -2.50 17.05 -16.50
N THR A 12 -3.35 16.31 -17.22
CA THR A 12 -4.76 16.25 -16.85
C THR A 12 -4.94 15.51 -15.52
N PRO A 13 -5.96 15.89 -14.74
CA PRO A 13 -6.14 15.26 -13.43
C PRO A 13 -6.38 13.75 -13.58
N LEU A 14 -5.71 12.99 -12.73
CA LEU A 14 -5.93 11.55 -12.71
C LEU A 14 -7.30 11.22 -12.13
N THR A 15 -8.05 10.39 -12.83
CA THR A 15 -9.35 9.93 -12.36
C THR A 15 -9.20 8.62 -11.60
N GLU A 16 -10.29 8.13 -11.01
CA GLU A 16 -10.18 6.85 -10.32
C GLU A 16 -9.83 5.73 -11.30
N LYS A 17 -10.38 5.79 -12.51
CA LYS A 17 -10.06 4.78 -13.51
C LYS A 17 -8.58 4.86 -13.93
N ASP A 18 -8.03 6.08 -14.00
CA ASP A 18 -6.60 6.20 -14.22
C ASP A 18 -5.82 5.44 -13.15
N TYR A 19 -6.28 5.53 -11.90
CA TYR A 19 -5.51 4.94 -10.81
C TYR A 19 -5.46 3.42 -10.90
N GLU A 20 -6.50 2.80 -11.46
CA GLU A 20 -6.43 1.36 -11.71
C GLU A 20 -5.32 1.05 -12.71
N GLY A 21 -5.18 1.88 -13.74
CA GLY A 21 -4.09 1.70 -14.69
C GLY A 21 -2.73 1.91 -14.07
N LEU A 22 -2.61 2.88 -13.16
CA LEU A 22 -1.32 3.13 -12.53
C LEU A 22 -0.93 1.98 -11.63
N LYS A 23 -1.90 1.40 -10.92
CA LYS A 23 -1.59 0.27 -10.05
C LYS A 23 -1.04 -0.89 -10.86
N ARG A 24 -1.62 -1.13 -12.04
CA ARG A 24 -1.18 -2.21 -12.90
C ARG A 24 0.25 -1.99 -13.40
N VAL A 25 0.56 -0.76 -13.83
CA VAL A 25 1.92 -0.45 -14.26
C VAL A 25 2.90 -0.69 -13.13
N LEU A 26 2.58 -0.19 -11.94
CA LEU A 26 3.49 -0.36 -10.81
C LEU A 26 3.72 -1.83 -10.50
N ARG A 27 2.66 -2.65 -10.53
N ARG A 27 2.66 -2.65 -10.53
CA ARG A 27 2.81 -4.06 -10.22
CA ARG A 27 2.81 -4.06 -10.22
C ARG A 27 3.65 -4.77 -11.28
C ARG A 27 3.61 -4.80 -11.29
N SER A 28 3.54 -4.35 -12.54
CA SER A 28 4.40 -4.92 -13.58
C SER A 28 5.87 -4.59 -13.31
N LEU A 29 6.15 -3.36 -12.88
CA LEU A 29 7.53 -3.01 -12.53
C LEU A 29 8.01 -3.82 -11.34
N GLN A 30 7.18 -3.94 -10.29
CA GLN A 30 7.61 -4.69 -9.11
C GLN A 30 7.87 -6.16 -9.41
N ALA A 31 7.21 -6.72 -10.43
CA ALA A 31 7.36 -8.14 -10.77
C ALA A 31 8.48 -8.39 -11.76
N HIS A 32 9.10 -7.34 -12.29
CA HIS A 32 10.18 -7.53 -13.25
C HIS A 32 11.42 -8.07 -12.57
N LYS A 33 12.11 -8.98 -13.25
CA LYS A 33 13.25 -9.66 -12.65
C LYS A 33 14.37 -8.69 -12.30
N MET A 34 14.47 -7.56 -13.03
CA MET A 34 15.53 -6.58 -12.78
C MET A 34 15.08 -5.47 -11.84
N ALA A 35 13.89 -5.56 -11.25
CA ALA A 35 13.43 -4.51 -10.37
C ALA A 35 13.90 -4.68 -8.94
N TRP A 36 14.54 -5.80 -8.62
CA TRP A 36 14.85 -6.09 -7.21
C TRP A 36 15.60 -4.98 -6.48
N PRO A 37 16.55 -4.23 -7.08
CA PRO A 37 17.24 -3.19 -6.30
C PRO A 37 16.37 -2.01 -5.93
N PHE A 38 15.23 -1.86 -6.60
CA PHE A 38 14.37 -0.69 -6.48
C PHE A 38 13.11 -0.94 -5.64
N LEU A 39 12.96 -2.12 -5.07
CA LEU A 39 11.68 -2.48 -4.47
C LEU A 39 11.46 -1.79 -3.14
N GLU A 40 12.53 -1.47 -2.45
CA GLU A 40 12.49 -0.91 -1.11
C GLU A 40 13.53 0.20 -1.05
N PRO A 41 13.44 1.10 -0.06
CA PRO A 41 14.45 2.14 0.07
C PRO A 41 15.85 1.55 0.23
N VAL A 42 16.83 2.26 -0.34
CA VAL A 42 18.22 1.83 -0.19
C VAL A 42 18.55 1.75 1.29
N ASP A 43 19.08 0.61 1.70
CA ASP A 43 19.53 0.41 3.07
C ASP A 43 20.89 1.06 3.24
N PRO A 44 21.06 2.01 4.18
CA PRO A 44 22.37 2.66 4.34
C PRO A 44 23.47 1.68 4.73
N ASN A 45 23.11 0.49 5.23
CA ASN A 45 24.12 -0.53 5.53
C ASN A 45 24.77 -1.07 4.27
N ASP A 46 24.05 -1.05 3.15
CA ASP A 46 24.60 -1.48 1.87
C ASP A 46 25.32 -0.38 1.13
N ALA A 47 25.13 0.88 1.53
CA ALA A 47 25.78 2.03 0.87
C ALA A 47 25.83 3.17 1.88
N PRO A 48 26.88 3.23 2.69
CA PRO A 48 26.87 4.15 3.85
C PRO A 48 26.77 5.63 3.48
N ASP A 49 27.27 6.05 2.31
CA ASP A 49 27.25 7.46 1.95
C ASP A 49 26.04 7.82 1.11
N TYR A 50 25.11 6.88 0.91
CA TYR A 50 24.09 7.05 -0.12
C TYR A 50 23.22 8.27 0.13
N TYR A 51 22.80 8.49 1.38
CA TYR A 51 21.83 9.55 1.65
C TYR A 51 22.49 10.91 1.81
N GLY A 52 23.81 10.98 1.80
CA GLY A 52 24.51 12.23 1.67
C GLY A 52 24.71 12.62 0.22
N VAL A 53 24.67 11.63 -0.67
CA VAL A 53 24.85 11.83 -2.11
C VAL A 53 23.53 12.12 -2.80
N ILE A 54 22.49 11.36 -2.45
CA ILE A 54 21.20 11.41 -3.11
C ILE A 54 20.25 12.17 -2.19
N LYS A 55 19.79 13.32 -2.63
CA LYS A 55 19.01 14.17 -1.75
C LYS A 55 17.52 13.95 -1.88
N GLU A 56 17.04 13.32 -2.97
CA GLU A 56 15.64 12.95 -3.10
C GLU A 56 15.52 11.47 -3.46
N PRO A 57 15.76 10.59 -2.49
CA PRO A 57 15.63 9.14 -2.74
C PRO A 57 14.21 8.76 -3.15
N MET A 58 14.10 7.69 -3.92
CA MET A 58 12.80 7.16 -4.29
C MET A 58 12.91 5.66 -4.52
N ASP A 59 11.79 4.95 -4.31
CA ASP A 59 11.78 3.51 -4.50
C ASP A 59 10.36 3.09 -4.82
N LEU A 60 10.20 1.83 -5.23
CA LEU A 60 8.89 1.37 -5.68
C LEU A 60 7.91 1.20 -4.53
N ALA A 61 8.40 0.84 -3.33
CA ALA A 61 7.50 0.73 -2.18
C ALA A 61 6.94 2.10 -1.77
N THR A 62 7.76 3.16 -1.85
CA THR A 62 7.26 4.51 -1.59
C THR A 62 6.27 4.94 -2.65
N MET A 63 6.50 4.56 -3.91
CA MET A 63 5.51 4.90 -4.91
C MET A 63 4.21 4.13 -4.72
N GLU A 64 4.30 2.88 -4.25
CA GLU A 64 3.08 2.12 -4.00
C GLU A 64 2.27 2.76 -2.89
N GLU A 65 2.94 3.23 -1.84
CA GLU A 65 2.23 3.92 -0.78
C GLU A 65 1.54 5.16 -1.33
N ARG A 66 2.23 5.89 -2.21
CA ARG A 66 1.66 7.11 -2.77
C ARG A 66 0.47 6.80 -3.68
N VAL A 67 0.55 5.73 -4.46
CA VAL A 67 -0.58 5.38 -5.31
C VAL A 67 -1.79 4.99 -4.46
N GLN A 68 -1.57 4.17 -3.43
CA GLN A 68 -2.68 3.78 -2.54
C GLN A 68 -3.32 4.99 -1.87
N ARG A 69 -2.55 6.04 -1.58
CA ARG A 69 -3.08 7.22 -0.91
C ARG A 69 -3.54 8.30 -1.88
N ARG A 70 -3.58 8.00 -3.18
CA ARG A 70 -3.97 8.97 -4.21
C ARG A 70 -3.13 10.24 -4.12
N TYR A 71 -1.83 10.06 -3.90
CA TYR A 71 -0.89 11.18 -3.83
C TYR A 71 -0.85 11.95 -5.15
N TYR A 72 -0.85 11.23 -6.27
CA TYR A 72 -0.59 11.84 -7.56
C TYR A 72 -1.86 12.47 -8.12
N GLU A 73 -1.78 13.74 -8.48
CA GLU A 73 -2.89 14.43 -9.13
C GLU A 73 -2.79 14.45 -10.64
N LYS A 74 -1.56 14.41 -11.17
CA LYS A 74 -1.29 14.41 -12.60
C LYS A 74 -0.33 13.28 -12.94
N LEU A 75 -0.47 12.71 -14.14
CA LEU A 75 0.43 11.62 -14.51
C LEU A 75 1.90 12.07 -14.51
N THR A 76 2.17 13.34 -14.85
CA THR A 76 3.55 13.82 -14.82
C THR A 76 4.19 13.63 -13.47
N GLU A 77 3.41 13.76 -12.38
CA GLU A 77 3.98 13.58 -11.04
C GLU A 77 4.38 12.13 -10.82
N PHE A 78 3.60 11.18 -11.36
CA PHE A 78 3.94 9.76 -11.25
C PHE A 78 5.19 9.44 -12.07
N VAL A 79 5.27 9.98 -13.29
CA VAL A 79 6.44 9.75 -14.12
C VAL A 79 7.68 10.37 -13.46
N ALA A 80 7.50 11.52 -12.81
CA ALA A 80 8.62 12.18 -12.14
C ALA A 80 9.19 11.31 -11.02
N ASP A 81 8.33 10.71 -10.19
CA ASP A 81 8.81 9.83 -9.13
C ASP A 81 9.52 8.61 -9.72
N MET A 82 8.97 8.02 -10.79
CA MET A 82 9.62 6.87 -11.39
C MET A 82 10.97 7.26 -11.99
N THR A 83 11.03 8.42 -12.62
CA THR A 83 12.28 8.88 -13.20
C THR A 83 13.33 9.12 -12.13
N LYS A 84 12.91 9.55 -10.93
CA LYS A 84 13.87 9.76 -9.86
CA LYS A 84 13.88 9.77 -9.87
C LYS A 84 14.58 8.46 -9.50
N ILE A 85 13.83 7.35 -9.45
CA ILE A 85 14.46 6.07 -9.13
C ILE A 85 15.61 5.80 -10.09
N PHE A 86 15.35 5.95 -11.38
CA PHE A 86 16.37 5.60 -12.35
C PHE A 86 17.50 6.62 -12.35
N ASP A 87 17.16 7.91 -12.25
CA ASP A 87 18.19 8.96 -12.23
C ASP A 87 19.11 8.83 -11.02
N ASN A 88 18.55 8.62 -9.83
CA ASN A 88 19.37 8.39 -8.64
C ASN A 88 20.30 7.20 -8.85
N CYS A 89 19.80 6.12 -9.45
CA CYS A 89 20.61 4.92 -9.64
C CYS A 89 21.78 5.19 -10.59
N ARG A 90 21.52 5.92 -11.68
CA ARG A 90 22.59 6.15 -12.65
C ARG A 90 23.60 7.16 -12.15
N TYR A 91 23.20 8.04 -11.23
CA TYR A 91 24.12 9.01 -10.65
C TYR A 91 24.99 8.39 -9.56
N TYR A 92 24.40 7.53 -8.73
CA TYR A 92 25.16 6.97 -7.61
C TYR A 92 26.06 5.84 -8.06
N ASN A 93 25.65 5.07 -9.05
CA ASN A 93 26.36 3.85 -9.39
C ASN A 93 27.12 4.05 -10.68
N PRO A 94 28.29 3.41 -10.82
CA PRO A 94 29.07 3.55 -12.06
C PRO A 94 28.38 2.86 -13.23
N SER A 95 28.80 3.23 -14.44
CA SER A 95 28.13 2.75 -15.64
C SER A 95 28.34 1.26 -15.88
N ASP A 96 29.37 0.66 -15.31
CA ASP A 96 29.57 -0.78 -15.45
C ASP A 96 29.01 -1.58 -14.28
N SER A 97 28.36 -0.92 -13.34
CA SER A 97 27.81 -1.63 -12.21
C SER A 97 26.56 -2.38 -12.63
N PRO A 98 26.29 -3.54 -12.03
CA PRO A 98 25.01 -4.22 -12.29
C PRO A 98 23.80 -3.38 -11.96
N PHE A 99 23.91 -2.48 -10.98
CA PHE A 99 22.79 -1.62 -10.64
C PHE A 99 22.46 -0.68 -11.78
N TYR A 100 23.50 -0.12 -12.42
CA TYR A 100 23.27 0.73 -13.58
C TYR A 100 22.54 -0.03 -14.69
N GLN A 101 22.93 -1.28 -14.92
CA GLN A 101 22.28 -2.09 -15.95
C GLN A 101 20.81 -2.36 -15.60
N CYS A 102 20.50 -2.52 -14.32
CA CYS A 102 19.11 -2.72 -13.91
C CYS A 102 18.26 -1.50 -14.23
N ALA A 103 18.82 -0.31 -14.03
CA ALA A 103 18.07 0.91 -14.36
C ALA A 103 17.85 1.03 -15.86
N GLU A 104 18.87 0.70 -16.65
CA GLU A 104 18.73 0.67 -18.11
C GLU A 104 17.55 -0.20 -18.51
N VAL A 105 17.57 -1.45 -18.06
CA VAL A 105 16.51 -2.42 -18.40
C VAL A 105 15.17 -1.93 -17.91
N LEU A 106 15.06 -1.56 -16.63
CA LEU A 106 13.75 -1.28 -16.08
C LEU A 106 13.18 0.04 -16.60
N GLU A 107 14.02 1.01 -16.95
CA GLU A 107 13.45 2.24 -17.49
C GLU A 107 12.85 2.00 -18.87
N SER A 108 13.49 1.19 -19.69
CA SER A 108 12.91 0.94 -21.01
C SER A 108 11.63 0.12 -20.88
N PHE A 109 11.57 -0.77 -19.90
CA PHE A 109 10.33 -1.50 -19.60
C PHE A 109 9.24 -0.55 -19.14
N PHE A 110 9.56 0.34 -18.19
CA PHE A 110 8.58 1.33 -17.76
C PHE A 110 8.05 2.16 -18.92
N VAL A 111 8.93 2.55 -19.86
CA VAL A 111 8.45 3.33 -20.99
C VAL A 111 7.49 2.51 -21.84
N GLN A 112 7.79 1.21 -21.99
CA GLN A 112 6.87 0.34 -22.73
C GLN A 112 5.50 0.30 -22.06
N LYS A 113 5.49 0.19 -20.73
CA LYS A 113 4.22 0.08 -20.02
C LYS A 113 3.47 1.41 -20.00
N LEU A 114 4.22 2.51 -19.85
CA LEU A 114 3.63 3.85 -19.83
C LEU A 114 2.94 4.18 -21.15
N LYS A 115 3.58 3.87 -22.27
CA LYS A 115 2.92 4.04 -23.56
C LYS A 115 1.62 3.26 -23.62
N GLY A 116 1.64 2.04 -23.09
CA GLY A 116 0.39 1.27 -23.01
C GLY A 116 -0.67 1.96 -22.17
N PHE A 117 -0.27 2.48 -21.01
CA PHE A 117 -1.23 3.16 -20.14
C PHE A 117 -1.81 4.39 -20.84
N LYS A 118 -0.97 5.17 -21.53
CA LYS A 118 -1.44 6.39 -22.17
C LYS A 118 -2.40 6.07 -23.31
N ALA A 119 -2.12 5.01 -24.06
CA ALA A 119 -2.98 4.64 -25.18
C ALA A 119 -4.36 4.20 -24.70
N SER A 120 -4.45 3.65 -23.50
CA SER A 120 -5.69 3.13 -22.95
C SER A 120 -6.52 4.18 -22.22
N ARG A 121 -6.03 5.40 -22.07
CA ARG A 121 -6.76 6.42 -21.32
C ARG A 121 -7.95 6.93 -22.15
N MET B 8 -2.49 -22.59 10.69
CA MET B 8 -1.31 -23.35 11.06
C MET B 8 -0.08 -22.43 11.20
N THR B 9 0.31 -21.82 10.09
CA THR B 9 1.42 -20.88 10.06
C THR B 9 0.96 -19.43 10.27
N VAL B 10 -0.28 -19.22 10.72
CA VAL B 10 -0.72 -17.89 11.12
C VAL B 10 -0.29 -17.54 12.52
N LEU B 11 0.33 -18.47 13.26
CA LEU B 11 0.88 -18.15 14.56
C LEU B 11 2.36 -17.76 14.53
N THR B 12 3.04 -17.93 13.40
CA THR B 12 4.47 -17.69 13.34
C THR B 12 4.77 -16.22 13.64
N PRO B 13 5.87 -15.91 14.31
CA PRO B 13 6.21 -14.52 14.58
C PRO B 13 6.34 -13.72 13.29
N LEU B 14 5.85 -12.48 13.33
CA LEU B 14 5.96 -11.59 12.19
C LEU B 14 7.38 -11.03 12.09
N THR B 15 7.95 -11.14 10.90
CA THR B 15 9.27 -10.58 10.62
C THR B 15 9.13 -9.14 10.16
N GLU B 16 10.26 -8.45 9.97
CA GLU B 16 10.18 -7.09 9.44
C GLU B 16 9.65 -7.08 8.01
N LYS B 17 10.02 -8.08 7.21
CA LYS B 17 9.47 -8.19 5.87
C LYS B 17 7.97 -8.50 5.89
N ASP B 18 7.51 -9.27 6.89
CA ASP B 18 6.07 -9.44 7.07
C ASP B 18 5.41 -8.09 7.31
N TYR B 19 6.06 -7.22 8.09
CA TYR B 19 5.42 -5.96 8.44
C TYR B 19 5.24 -5.08 7.21
N GLU B 20 6.13 -5.16 6.22
CA GLU B 20 5.90 -4.39 5.00
C GLU B 20 4.66 -4.89 4.28
N GLY B 21 4.44 -6.21 4.27
CA GLY B 21 3.21 -6.75 3.72
C GLY B 21 1.97 -6.30 4.48
N LEU B 22 2.08 -6.19 5.80
CA LEU B 22 0.89 -5.78 6.57
C LEU B 22 0.54 -4.33 6.30
N LYS B 23 1.55 -3.45 6.20
CA LYS B 23 1.29 -2.05 5.89
C LYS B 23 0.58 -1.91 4.57
N ARG B 24 0.97 -2.73 3.59
CA ARG B 24 0.37 -2.69 2.26
C ARG B 24 -1.08 -3.12 2.32
N VAL B 25 -1.35 -4.22 3.03
CA VAL B 25 -2.74 -4.66 3.21
C VAL B 25 -3.56 -3.57 3.86
N LEU B 26 -3.04 -2.98 4.93
CA LEU B 26 -3.79 -1.95 5.63
C LEU B 26 -4.08 -0.75 4.73
N ARG B 27 -3.09 -0.30 3.96
N ARG B 27 -3.09 -0.30 3.96
CA ARG B 27 -3.32 0.83 3.07
CA ARG B 27 -3.31 0.84 3.08
C ARG B 27 -4.35 0.50 2.00
C ARG B 27 -4.33 0.50 1.98
N SER B 28 -4.36 -0.76 1.54
CA SER B 28 -5.39 -1.16 0.59
C SER B 28 -6.79 -1.03 1.18
N LEU B 29 -6.95 -1.46 2.45
CA LEU B 29 -8.25 -1.32 3.11
C LEU B 29 -8.61 0.14 3.31
N GLN B 30 -7.66 0.96 3.75
CA GLN B 30 -7.95 2.37 3.98
C GLN B 30 -8.36 3.10 2.71
N ALA B 31 -7.90 2.65 1.53
CA ALA B 31 -8.21 3.31 0.26
C ALA B 31 -9.48 2.79 -0.38
N HIS B 32 -10.08 1.74 0.18
CA HIS B 32 -11.28 1.17 -0.43
C HIS B 32 -12.46 2.11 -0.25
N LYS B 33 -13.27 2.21 -1.31
CA LYS B 33 -14.39 3.15 -1.32
C LYS B 33 -15.34 2.92 -0.16
N MET B 34 -15.50 1.67 0.28
CA MET B 34 -16.45 1.33 1.32
C MET B 34 -15.79 1.25 2.69
N ALA B 35 -14.54 1.65 2.82
CA ALA B 35 -13.90 1.62 4.12
C ALA B 35 -14.15 2.89 4.92
N TRP B 36 -14.85 3.88 4.35
CA TRP B 36 -14.93 5.19 4.99
C TRP B 36 -15.49 5.17 6.41
N PRO B 37 -16.46 4.33 6.80
CA PRO B 37 -16.95 4.41 8.18
C PRO B 37 -16.00 3.82 9.21
N PHE B 38 -14.97 3.09 8.77
CA PHE B 38 -14.02 2.41 9.63
C PHE B 38 -12.69 3.12 9.75
N LEU B 39 -12.55 4.32 9.18
CA LEU B 39 -11.23 4.91 9.09
C LEU B 39 -10.80 5.53 10.40
N GLU B 40 -11.75 5.84 11.26
CA GLU B 40 -11.51 6.53 12.51
C GLU B 40 -12.44 5.92 13.54
N PRO B 41 -12.18 6.11 14.84
CA PRO B 41 -13.12 5.63 15.85
C PRO B 41 -14.50 6.23 15.66
N VAL B 42 -15.51 5.43 16.01
CA VAL B 42 -16.88 5.92 15.99
C VAL B 42 -17.00 7.12 16.91
N ASP B 43 -17.59 8.20 16.39
CA ASP B 43 -17.83 9.42 17.16
C ASP B 43 -19.12 9.27 17.95
N PRO B 44 -19.11 9.43 19.28
CA PRO B 44 -20.36 9.31 20.04
C PRO B 44 -21.45 10.26 19.59
N ASN B 45 -21.07 11.38 18.96
CA ASN B 45 -22.05 12.29 18.39
C ASN B 45 -22.90 11.61 17.33
N ASP B 46 -22.30 10.70 16.56
CA ASP B 46 -23.01 10.00 15.50
C ASP B 46 -23.75 8.76 15.99
N ALA B 47 -23.56 8.37 17.26
CA ALA B 47 -24.16 7.16 17.83
C ALA B 47 -23.99 7.20 19.34
N PRO B 48 -24.90 7.86 20.06
CA PRO B 48 -24.64 8.17 21.48
C PRO B 48 -24.50 6.96 22.39
N ASP B 49 -25.11 5.83 22.06
CA ASP B 49 -25.05 4.64 22.89
C ASP B 49 -23.95 3.67 22.47
N TYR B 50 -23.16 4.02 21.46
CA TYR B 50 -22.28 3.05 20.80
C TYR B 50 -21.31 2.41 21.78
N TYR B 51 -20.66 3.22 22.62
CA TYR B 51 -19.63 2.70 23.51
C TYR B 51 -20.20 2.01 24.74
N GLY B 52 -21.50 2.12 24.97
CA GLY B 52 -22.15 1.24 25.94
C GLY B 52 -22.50 -0.12 25.37
N VAL B 53 -22.62 -0.21 24.05
CA VAL B 53 -22.98 -1.45 23.35
C VAL B 53 -21.74 -2.26 22.97
N ILE B 54 -20.72 -1.61 22.45
CA ILE B 54 -19.54 -2.28 21.92
C ILE B 54 -18.45 -2.21 22.96
N LYS B 55 -18.07 -3.36 23.53
CA LYS B 55 -17.11 -3.32 24.62
C LYS B 55 -15.68 -3.13 24.14
N GLU B 56 -15.35 -3.59 22.93
CA GLU B 56 -13.99 -3.46 22.39
C GLU B 56 -14.03 -2.83 21.01
N PRO B 57 -14.17 -1.51 20.95
CA PRO B 57 -14.14 -0.82 19.65
C PRO B 57 -12.82 -1.02 18.91
N MET B 58 -12.89 -0.97 17.58
CA MET B 58 -11.67 -1.00 16.78
C MET B 58 -11.91 -0.23 15.49
N ASP B 59 -10.84 0.32 14.92
CA ASP B 59 -10.95 1.11 13.71
C ASP B 59 -9.60 1.06 12.99
N LEU B 60 -9.59 1.48 11.73
CA LEU B 60 -8.38 1.30 10.94
C LEU B 60 -7.27 2.26 11.37
N ALA B 61 -7.61 3.42 11.93
CA ALA B 61 -6.57 4.32 12.43
C ALA B 61 -5.86 3.73 13.65
N THR B 62 -6.61 3.03 14.50
CA THR B 62 -6.03 2.35 15.64
C THR B 62 -5.14 1.20 15.20
N MET B 63 -5.54 0.49 14.14
CA MET B 63 -4.70 -0.58 13.65
C MET B 63 -3.43 -0.02 13.00
N GLU B 64 -3.56 1.11 12.31
CA GLU B 64 -2.37 1.75 11.73
C GLU B 64 -1.38 2.14 12.82
N GLU B 65 -1.87 2.72 13.92
CA GLU B 65 -0.97 3.04 15.01
C GLU B 65 -0.28 1.79 15.53
N ARG B 66 -1.04 0.69 15.62
CA ARG B 66 -0.46 -0.54 16.14
C ARG B 66 0.57 -1.14 15.19
N VAL B 67 0.29 -1.11 13.89
CA VAL B 67 1.26 -1.60 12.93
C VAL B 67 2.54 -0.76 13.00
N GLN B 68 2.41 0.56 13.01
CA GLN B 68 3.60 1.42 13.08
C GLN B 68 4.44 1.13 14.32
N ARG B 69 3.79 0.77 15.44
CA ARG B 69 4.50 0.50 16.69
C ARG B 69 4.93 -0.96 16.83
N ARG B 70 4.72 -1.77 15.79
CA ARG B 70 5.02 -3.21 15.85
C ARG B 70 4.28 -3.89 17.01
N TYR B 71 3.01 -3.53 17.18
CA TYR B 71 2.19 -4.11 18.23
C TYR B 71 1.99 -5.61 18.03
N TYR B 72 1.83 -6.03 16.76
CA TYR B 72 1.42 -7.39 16.48
C TYR B 72 2.61 -8.34 16.47
N GLU B 73 2.53 -9.42 17.25
CA GLU B 73 3.56 -10.46 17.28
C GLU B 73 3.30 -11.58 16.28
N LYS B 74 2.02 -11.88 16.02
CA LYS B 74 1.61 -12.95 15.12
C LYS B 74 0.49 -12.44 14.24
N LEU B 75 0.39 -12.99 13.03
CA LEU B 75 -0.65 -12.54 12.10
C LEU B 75 -2.05 -12.72 12.69
N THR B 76 -2.27 -13.73 13.52
CA THR B 76 -3.59 -13.94 14.10
C THR B 76 -4.07 -12.73 14.90
N GLU B 77 -3.17 -12.02 15.58
CA GLU B 77 -3.55 -10.83 16.32
C GLU B 77 -4.01 -9.71 15.39
N PHE B 78 -3.34 -9.58 14.22
CA PHE B 78 -3.75 -8.60 13.22
C PHE B 78 -5.13 -8.93 12.65
N VAL B 79 -5.34 -10.20 12.31
CA VAL B 79 -6.64 -10.63 11.80
C VAL B 79 -7.71 -10.45 12.87
N ALA B 80 -7.36 -10.68 14.13
CA ALA B 80 -8.32 -10.50 15.22
C ALA B 80 -8.78 -9.05 15.33
N ASP B 81 -7.87 -8.09 15.22
CA ASP B 81 -8.26 -6.69 15.26
C ASP B 81 -9.13 -6.33 14.07
N MET B 82 -8.80 -6.85 12.89
CA MET B 82 -9.59 -6.52 11.71
C MET B 82 -10.98 -7.13 11.82
N THR B 83 -11.06 -8.37 12.28
CA THR B 83 -12.36 -9.01 12.46
C THR B 83 -13.20 -8.28 13.50
N LYS B 84 -12.58 -7.67 14.50
CA LYS B 84 -13.34 -6.90 15.47
C LYS B 84 -14.08 -5.75 14.79
N ILE B 85 -13.39 -5.03 13.90
CA ILE B 85 -14.05 -3.95 13.16
C ILE B 85 -15.34 -4.46 12.53
N PHE B 86 -15.26 -5.57 11.82
CA PHE B 86 -16.42 -6.01 11.07
C PHE B 86 -17.48 -6.60 11.99
N ASP B 87 -17.06 -7.34 13.02
CA ASP B 87 -18.03 -7.91 13.97
C ASP B 87 -18.75 -6.83 14.77
N ASN B 88 -18.01 -5.80 15.22
CA ASN B 88 -18.65 -4.67 15.89
C ASN B 88 -19.69 -4.03 14.99
N CYS B 89 -19.35 -3.86 13.71
CA CYS B 89 -20.27 -3.19 12.79
C CYS B 89 -21.54 -4.02 12.55
N ARG B 90 -21.39 -5.33 12.44
CA ARG B 90 -22.56 -6.15 12.15
C ARG B 90 -23.44 -6.37 13.37
N TYR B 91 -22.88 -6.23 14.57
CA TYR B 91 -23.63 -6.33 15.82
C TYR B 91 -24.37 -5.04 16.15
N TYR B 92 -23.73 -3.90 15.91
CA TYR B 92 -24.32 -2.62 16.29
C TYR B 92 -25.39 -2.19 15.30
N ASN B 93 -25.15 -2.41 14.02
CA ASN B 93 -26.00 -1.89 12.96
C ASN B 93 -26.91 -2.98 12.44
N PRO B 94 -28.13 -2.63 12.01
CA PRO B 94 -29.05 -3.65 11.51
C PRO B 94 -28.62 -4.10 10.12
N SER B 95 -29.16 -5.25 9.71
CA SER B 95 -28.66 -5.90 8.50
C SER B 95 -29.05 -5.16 7.22
N ASP B 96 -29.97 -4.21 7.27
CA ASP B 96 -30.30 -3.40 6.11
C ASP B 96 -29.60 -2.05 6.15
N SER B 97 -28.72 -1.84 7.12
CA SER B 97 -28.02 -0.58 7.21
C SER B 97 -26.94 -0.49 6.14
N PRO B 98 -26.71 0.69 5.56
CA PRO B 98 -25.52 0.85 4.72
C PRO B 98 -24.23 0.50 5.43
N PHE B 99 -24.15 0.72 6.75
CA PHE B 99 -22.94 0.33 7.48
C PHE B 99 -22.73 -1.17 7.43
N TYR B 100 -23.80 -1.94 7.59
CA TYR B 100 -23.70 -3.39 7.51
C TYR B 100 -23.17 -3.84 6.15
N GLN B 101 -23.66 -3.22 5.08
CA GLN B 101 -23.20 -3.57 3.74
C GLN B 101 -21.71 -3.24 3.57
N CYS B 102 -21.25 -2.17 4.20
CA CYS B 102 -19.84 -1.79 4.13
C CYS B 102 -18.96 -2.87 4.75
N ALA B 103 -19.43 -3.48 5.85
CA ALA B 103 -18.65 -4.54 6.49
C ALA B 103 -18.64 -5.79 5.63
N GLU B 104 -19.76 -6.12 5.00
CA GLU B 104 -19.78 -7.27 4.11
CA GLU B 104 -19.81 -7.25 4.07
C GLU B 104 -18.78 -7.08 2.96
N VAL B 105 -18.82 -5.94 2.28
CA VAL B 105 -17.90 -5.68 1.18
C VAL B 105 -16.47 -5.67 1.64
N LEU B 106 -16.16 -4.95 2.73
CA LEU B 106 -14.76 -4.79 3.08
C LEU B 106 -14.21 -6.05 3.70
N GLU B 107 -15.04 -6.89 4.35
CA GLU B 107 -14.47 -8.12 4.89
C GLU B 107 -14.05 -9.07 3.78
N SER B 108 -14.86 -9.18 2.72
CA SER B 108 -14.44 -10.08 1.64
C SER B 108 -13.22 -9.52 0.91
N PHE B 109 -13.11 -8.20 0.81
CA PHE B 109 -11.91 -7.57 0.27
C PHE B 109 -10.69 -7.88 1.14
N PHE B 110 -10.82 -7.68 2.45
CA PHE B 110 -9.75 -8.06 3.38
C PHE B 110 -9.33 -9.52 3.19
N VAL B 111 -10.28 -10.43 3.01
CA VAL B 111 -9.91 -11.83 2.85
C VAL B 111 -9.13 -12.02 1.55
N GLN B 112 -9.53 -11.31 0.49
CA GLN B 112 -8.78 -11.39 -0.77
C GLN B 112 -7.34 -10.93 -0.58
N LYS B 113 -7.16 -9.84 0.17
CA LYS B 113 -5.83 -9.27 0.35
C LYS B 113 -5.00 -10.12 1.30
N LEU B 114 -5.64 -10.66 2.34
CA LEU B 114 -4.96 -11.51 3.30
C LEU B 114 -4.42 -12.77 2.65
N LYS B 115 -5.22 -13.39 1.76
CA LYS B 115 -4.73 -14.55 1.03
C LYS B 115 -3.50 -14.20 0.21
N GLY B 116 -3.50 -13.04 -0.46
CA GLY B 116 -2.32 -12.61 -1.18
C GLY B 116 -1.12 -12.43 -0.26
N PHE B 117 -1.34 -11.85 0.92
CA PHE B 117 -0.24 -11.71 1.87
C PHE B 117 0.30 -13.06 2.31
N LYS B 118 -0.58 -14.03 2.55
CA LYS B 118 -0.13 -15.33 3.04
C LYS B 118 0.64 -16.09 1.97
N ALA B 119 0.21 -15.98 0.72
CA ALA B 119 0.90 -16.68 -0.35
C ALA B 119 2.28 -16.09 -0.63
N SER B 120 2.46 -14.80 -0.35
CA SER B 120 3.74 -14.15 -0.59
C SER B 120 4.76 -14.39 0.52
N ARG B 121 4.34 -14.87 1.68
CA ARG B 121 5.26 -15.13 2.79
C ARG B 121 6.20 -16.29 2.44
C23 WCV C . 15.79 -4.93 -1.78
C25 WCV C . 20.18 -1.05 -3.60
C26 WCV C . 21.52 -0.60 -3.68
C10 WCV C . 22.56 -1.43 -3.23
C02 WCV C . 21.25 1.34 -5.42
C03 WCV C . 20.20 0.56 -6.26
C04 WCV C . 19.57 1.37 -7.37
C05 WCV C . 18.74 0.98 -6.15
C07 WCV C . 22.85 1.49 -3.50
C08 WCV C . 24.09 0.68 -3.17
C09 WCV C . 24.03 -0.85 -3.32
C11 WCV C . 22.27 -2.73 -2.72
C12 WCV C . 20.91 -3.19 -2.66
C13 WCV C . 19.86 -2.33 -3.11
C15 WCV C . 17.77 -3.75 -2.39
C17 WCV C . 17.86 -5.55 -0.96
C19 WCV C . 20.11 -6.50 -0.37
C20 WCV C . 20.37 -7.21 -1.71
C21 WCV C . 20.57 -7.76 -2.74
C24 WCV C . 16.38 -3.90 -2.50
N06 WCV C . 21.86 0.75 -4.21
N14 WCV C . 18.43 -2.65 -3.13
N16 WCV C . 18.48 -4.56 -1.62
N18 WCV C . 18.67 -6.44 -0.12
N22 WCV C . 16.55 -5.73 -1.02
O01 WCV C . 21.57 2.43 -5.79
C1 EDO D . -5.22 -1.04 -3.43
O1 EDO D . -3.86 -1.39 -3.69
C2 EDO D . -6.10 -2.27 -3.70
O2 EDO D . -5.75 -2.81 -4.98
C23 WCV E . -15.06 8.83 9.52
C25 WCV E . -19.40 5.24 11.94
C26 WCV E . -20.72 4.96 12.40
C10 WCV E . -21.75 5.89 12.20
C02 WCV E . -20.55 2.37 12.75
C03 WCV E . -19.66 2.19 11.49
C04 WCV E . -19.26 0.76 11.19
C05 WCV E . -18.21 1.76 11.69
C07 WCV E . -21.88 3.86 14.29
C08 WCV E . -23.20 4.51 13.90
C09 WCV E . -23.19 5.55 12.76
C11 WCV E . -21.46 7.10 11.48
C12 WCV E . -20.15 7.36 10.99
C13 WCV E . -19.12 6.41 11.23
C15 WCV E . -17.03 7.75 10.34
C17 WCV E . -16.99 10.02 9.93
C19 WCV E . -19.17 11.22 10.13
C20 WCV E . -19.79 10.71 8.83
C21 WCV E . -20.27 10.30 7.81
C24 WCV E . -15.69 7.65 9.94
N06 WCV E . -21.03 3.72 13.15
N14 WCV E . -17.71 6.53 10.78
N16 WCV E . -17.64 8.93 10.34
N18 WCV E . -17.71 11.29 9.94
N22 WCV E . -15.72 9.98 9.53
O01 WCV E . -20.83 1.42 13.40
#